data_3LRR
#
_entry.id   3LRR
#
_cell.length_a   83.010
_cell.length_b   83.010
_cell.length_c   111.220
_cell.angle_alpha   90.00
_cell.angle_beta   90.00
_cell.angle_gamma   120.00
#
_symmetry.space_group_name_H-M   'P 65'
#
loop_
_entity.id
_entity.type
_entity.pdbx_description
1 polymer 'Probable ATP-dependent RNA helicase DDX58'
2 polymer "RNA (5'-R(*(ATP)P*UP*AP*UP*AP*UP*AP*UP*AP*UP*AP*U)-3')"
3 non-polymer 'ZINC ION'
#
loop_
_entity_poly.entity_id
_entity_poly.type
_entity_poly.pdbx_seq_one_letter_code
_entity_poly.pdbx_strand_id
1 'polypeptide(L)'
;KENKKLLCRKCKALACYTADVRVIEESHYTVLGDAFKECFVSRPHPKPKQFSSFEKRAKIFCARQNCSHDWGIHVKYKTF
EIPVIKIESFVVEDIATGVQTLYSKWKDFHFEKIPFDPAEM
;
A,B
2 'polyribonucleotide' (ATP)UAUAUAUAUAU C,D
#
loop_
_chem_comp.id
_chem_comp.type
_chem_comp.name
_chem_comp.formula
A RNA linking ADENOSINE-5'-MONOPHOSPHATE 'C10 H14 N5 O7 P'
ATP non-polymer ADENOSINE-5'-TRIPHOSPHATE 'C10 H16 N5 O13 P3'
U RNA linking URIDINE-5'-MONOPHOSPHATE 'C9 H13 N2 O9 P'
ZN non-polymer 'ZINC ION' 'Zn 2'
#
# COMPACT_ATOMS: atom_id res chain seq x y z
N LYS A 1 -0.32 -20.95 15.37
CA LYS A 1 -1.50 -20.48 16.15
C LYS A 1 -2.80 -21.20 15.74
N GLU A 2 -3.86 -20.44 15.54
CA GLU A 2 -5.18 -20.97 15.17
C GLU A 2 -5.34 -21.36 13.69
N ASN A 3 -5.85 -22.58 13.45
CA ASN A 3 -6.10 -23.03 12.08
C ASN A 3 -7.34 -22.30 11.58
N LYS A 4 -7.26 -21.77 10.37
CA LYS A 4 -8.35 -21.02 9.80
C LYS A 4 -8.75 -21.45 8.40
N LYS A 5 -9.84 -20.85 7.93
CA LYS A 5 -10.37 -21.14 6.61
C LYS A 5 -10.02 -20.06 5.61
N LEU A 6 -9.69 -20.49 4.39
CA LEU A 6 -9.42 -19.54 3.34
C LEU A 6 -10.55 -19.76 2.36
N LEU A 7 -11.34 -18.71 2.14
CA LEU A 7 -12.48 -18.75 1.24
C LEU A 7 -12.24 -17.87 0.02
N CYS A 8 -12.85 -18.26 -1.10
CA CYS A 8 -12.72 -17.45 -2.31
C CYS A 8 -13.36 -16.08 -2.03
N ARG A 9 -12.59 -15.01 -2.16
CA ARG A 9 -13.07 -13.65 -1.92
C ARG A 9 -14.32 -13.30 -2.73
N LYS A 10 -14.47 -13.92 -3.90
CA LYS A 10 -15.61 -13.65 -4.78
C LYS A 10 -16.89 -14.44 -4.46
N CYS A 11 -16.81 -15.76 -4.46
CA CYS A 11 -17.99 -16.58 -4.20
C CYS A 11 -17.99 -17.14 -2.80
N LYS A 12 -16.97 -16.82 -2.03
CA LYS A 12 -16.84 -17.26 -0.63
C LYS A 12 -16.80 -18.78 -0.42
N ALA A 13 -16.38 -19.54 -1.40
CA ALA A 13 -16.30 -20.99 -1.21
C ALA A 13 -14.99 -21.36 -0.50
N LEU A 14 -15.05 -22.36 0.38
CA LEU A 14 -13.86 -22.81 1.09
C LEU A 14 -12.86 -23.33 0.10
N ALA A 15 -11.70 -22.69 0.06
CA ALA A 15 -10.62 -23.06 -0.84
C ALA A 15 -9.67 -24.04 -0.16
N CYS A 16 -9.41 -23.79 1.13
CA CYS A 16 -8.53 -24.65 1.93
C CYS A 16 -8.40 -24.18 3.37
N TYR A 17 -7.46 -24.82 4.08
CA TYR A 17 -7.17 -24.50 5.47
C TYR A 17 -5.71 -24.09 5.63
N THR A 18 -5.45 -23.07 6.44
CA THR A 18 -4.09 -22.59 6.67
C THR A 18 -3.11 -23.72 7.03
N ALA A 19 -3.61 -24.75 7.71
CA ALA A 19 -2.80 -25.88 8.12
C ALA A 19 -2.12 -26.55 6.90
N ASP A 20 -2.76 -26.47 5.74
CA ASP A 20 -2.24 -27.09 4.52
C ASP A 20 -1.41 -26.16 3.67
N VAL A 21 -1.12 -24.98 4.19
CA VAL A 21 -0.31 -24.00 3.46
C VAL A 21 1.18 -24.21 3.78
N ARG A 22 2.04 -24.06 2.77
CA ARG A 22 3.50 -24.19 2.92
C ARG A 22 4.21 -22.97 2.32
N VAL A 23 5.32 -22.56 2.91
CA VAL A 23 6.06 -21.39 2.42
C VAL A 23 7.32 -21.74 1.66
N ILE A 24 7.43 -21.21 0.43
CA ILE A 24 8.59 -21.46 -0.42
C ILE A 24 9.47 -20.25 -0.49
N GLU A 25 10.76 -20.43 -0.19
CA GLU A 25 11.73 -19.34 -0.24
C GLU A 25 11.23 -18.13 0.57
N GLU A 26 10.57 -18.39 1.70
CA GLU A 26 10.04 -17.36 2.61
C GLU A 26 9.05 -16.32 2.10
N SER A 27 8.70 -16.35 0.82
CA SER A 27 7.78 -15.33 0.30
C SER A 27 6.62 -15.81 -0.57
N HIS A 28 6.67 -17.05 -1.04
CA HIS A 28 5.60 -17.56 -1.89
C HIS A 28 4.80 -18.64 -1.16
N TYR A 29 3.49 -18.70 -1.40
CA TYR A 29 2.65 -19.68 -0.70
C TYR A 29 1.94 -20.74 -1.54
N THR A 30 2.16 -22.01 -1.17
CA THR A 30 1.57 -23.15 -1.88
C THR A 30 0.64 -23.93 -0.95
N VAL A 31 -0.31 -24.64 -1.54
CA VAL A 31 -1.26 -25.43 -0.76
C VAL A 31 -1.06 -26.92 -1.05
N LEU A 32 -1.10 -27.74 0.01
CA LEU A 32 -0.92 -29.19 -0.10
C LEU A 32 -2.26 -29.93 -0.18
N GLY A 33 -2.23 -31.16 -0.66
CA GLY A 33 -3.43 -31.97 -0.72
C GLY A 33 -4.21 -32.00 -2.02
N ASP A 34 -4.76 -33.18 -2.30
CA ASP A 34 -5.53 -33.44 -3.51
C ASP A 34 -6.85 -32.70 -3.47
N ALA A 35 -7.23 -32.29 -2.26
CA ALA A 35 -8.48 -31.56 -2.02
C ALA A 35 -8.51 -30.20 -2.68
N PHE A 36 -7.44 -29.43 -2.51
CA PHE A 36 -7.37 -28.10 -3.10
C PHE A 36 -7.34 -28.21 -4.63
N LYS A 37 -6.91 -29.37 -5.14
CA LYS A 37 -6.85 -29.60 -6.59
C LYS A 37 -8.23 -29.59 -7.26
N GLU A 38 -9.27 -30.00 -6.53
CA GLU A 38 -10.61 -29.99 -7.09
C GLU A 38 -11.26 -28.65 -6.82
N CYS A 39 -10.46 -27.70 -6.33
CA CYS A 39 -10.98 -26.37 -6.00
C CYS A 39 -10.55 -25.28 -6.98
N PHE A 40 -9.53 -25.53 -7.78
CA PHE A 40 -9.09 -24.54 -8.77
C PHE A 40 -8.96 -25.13 -10.17
N VAL A 41 -8.84 -24.26 -11.16
CA VAL A 41 -8.68 -24.66 -12.53
C VAL A 41 -7.57 -23.84 -13.10
N SER A 42 -6.88 -24.39 -14.08
CA SER A 42 -5.78 -23.65 -14.67
C SER A 42 -6.02 -23.22 -16.08
N ARG A 43 -5.08 -22.41 -16.55
CA ARG A 43 -5.12 -21.84 -17.87
C ARG A 43 -3.72 -21.33 -18.18
N PRO A 44 -3.20 -21.68 -19.35
CA PRO A 44 -1.85 -21.25 -19.75
C PRO A 44 -1.59 -19.75 -19.50
N HIS A 45 -0.45 -19.44 -18.90
CA HIS A 45 -0.07 -18.08 -18.56
C HIS A 45 0.37 -17.23 -19.76
N PRO A 46 -0.29 -16.07 -19.97
CA PRO A 46 0.03 -15.15 -21.07
C PRO A 46 1.52 -14.85 -21.26
N LYS A 47 2.25 -14.75 -20.16
CA LYS A 47 3.68 -14.46 -20.19
C LYS A 47 4.42 -15.25 -19.12
N PRO A 48 4.70 -16.54 -19.40
CA PRO A 48 5.41 -17.41 -18.46
C PRO A 48 6.87 -16.99 -18.28
N LYS A 49 7.23 -16.72 -17.03
CA LYS A 49 8.59 -16.31 -16.70
C LYS A 49 9.25 -17.33 -15.77
N GLN A 50 10.53 -17.10 -15.52
CA GLN A 50 11.29 -17.96 -14.64
C GLN A 50 12.17 -17.03 -13.76
N PHE A 51 11.84 -16.96 -12.47
CA PHE A 51 12.63 -16.17 -11.49
C PHE A 51 13.07 -17.22 -10.50
N SER A 52 14.21 -17.04 -9.87
CA SER A 52 14.76 -18.05 -8.97
C SER A 52 14.54 -19.54 -9.37
N SER A 53 13.80 -20.33 -8.58
CA SER A 53 13.63 -21.70 -9.01
C SER A 53 12.20 -22.00 -9.44
N PHE A 54 11.46 -20.94 -9.77
CA PHE A 54 10.10 -21.14 -10.25
C PHE A 54 10.02 -20.87 -11.74
N GLU A 55 9.03 -21.48 -12.36
CA GLU A 55 8.80 -21.30 -13.79
C GLU A 55 7.30 -21.12 -13.95
N LYS A 56 6.89 -19.85 -13.93
CA LYS A 56 5.51 -19.41 -14.06
C LYS A 56 4.96 -20.07 -15.31
N ARG A 57 4.14 -21.09 -15.13
CA ARG A 57 3.58 -21.81 -16.27
C ARG A 57 2.13 -21.53 -16.65
N ALA A 58 1.26 -21.45 -15.66
CA ALA A 58 -0.14 -21.16 -15.90
C ALA A 58 -0.66 -20.25 -14.82
N LYS A 59 -1.95 -19.94 -14.92
CA LYS A 59 -2.63 -19.10 -13.97
C LYS A 59 -3.72 -19.97 -13.38
N ILE A 60 -4.09 -19.70 -12.13
CA ILE A 60 -5.12 -20.49 -11.52
C ILE A 60 -6.33 -19.66 -11.13
N PHE A 61 -7.50 -20.31 -11.15
CA PHE A 61 -8.77 -19.67 -10.81
C PHE A 61 -9.69 -20.59 -10.01
N CYS A 62 -10.62 -20.00 -9.27
CA CYS A 62 -11.58 -20.79 -8.51
C CYS A 62 -12.28 -21.69 -9.55
N ALA A 63 -12.51 -22.94 -9.20
CA ALA A 63 -13.14 -23.89 -10.12
C ALA A 63 -14.65 -23.69 -10.28
N ARG A 64 -15.26 -22.99 -9.34
CA ARG A 64 -16.70 -22.75 -9.36
C ARG A 64 -17.24 -21.98 -10.58
N GLN A 65 -18.34 -22.52 -11.11
CA GLN A 65 -19.07 -22.02 -12.28
C GLN A 65 -18.97 -20.53 -12.64
N ASN A 66 -19.92 -19.76 -12.10
CA ASN A 66 -19.99 -18.33 -12.33
C ASN A 66 -18.95 -17.50 -11.60
N CYS A 67 -17.96 -18.15 -10.98
CA CYS A 67 -16.90 -17.42 -10.26
C CYS A 67 -15.61 -17.27 -11.07
N SER A 68 -14.82 -18.34 -11.16
CA SER A 68 -13.57 -18.32 -11.92
C SER A 68 -12.64 -17.24 -11.39
N HIS A 69 -12.68 -16.97 -10.09
CA HIS A 69 -11.84 -15.92 -9.53
C HIS A 69 -10.35 -16.23 -9.66
N ASP A 70 -9.55 -15.22 -10.00
CA ASP A 70 -8.10 -15.35 -10.13
C ASP A 70 -7.47 -15.58 -8.74
N TRP A 71 -6.84 -16.73 -8.57
CA TRP A 71 -6.21 -17.12 -7.30
C TRP A 71 -4.68 -17.09 -7.31
N GLY A 72 -4.08 -16.73 -8.43
CA GLY A 72 -2.62 -16.70 -8.50
C GLY A 72 -2.08 -17.39 -9.74
N ILE A 73 -1.16 -18.35 -9.55
CA ILE A 73 -0.54 -19.07 -10.66
C ILE A 73 -0.13 -20.50 -10.29
N HIS A 74 0.31 -21.26 -11.29
CA HIS A 74 0.77 -22.62 -11.07
C HIS A 74 2.19 -22.64 -11.65
N VAL A 75 3.10 -23.28 -10.94
CA VAL A 75 4.47 -23.29 -11.42
C VAL A 75 5.14 -24.65 -11.38
N LYS A 76 6.40 -24.64 -11.79
CA LYS A 76 7.26 -25.79 -11.74
C LYS A 76 8.38 -25.35 -10.78
N TYR A 77 8.42 -25.98 -9.60
CA TYR A 77 9.44 -25.72 -8.56
C TYR A 77 10.21 -27.07 -8.35
N LYS A 78 11.39 -27.05 -7.70
CA LYS A 78 12.31 -28.20 -7.57
C LYS A 78 11.93 -29.23 -8.67
N THR A 79 11.21 -30.31 -8.35
CA THR A 79 10.78 -31.26 -9.38
C THR A 79 9.25 -31.14 -9.46
N PHE A 80 8.71 -30.31 -8.57
CA PHE A 80 7.30 -30.11 -8.41
C PHE A 80 6.53 -29.14 -9.28
N GLU A 81 5.33 -29.57 -9.66
CA GLU A 81 4.37 -28.80 -10.44
C GLU A 81 3.32 -28.42 -9.39
N ILE A 82 3.45 -27.23 -8.80
CA ILE A 82 2.56 -26.80 -7.72
C ILE A 82 1.92 -25.43 -7.90
N PRO A 83 0.79 -25.19 -7.20
CA PRO A 83 0.14 -23.88 -7.30
C PRO A 83 0.74 -22.88 -6.29
N VAL A 84 0.61 -21.59 -6.59
CA VAL A 84 1.08 -20.54 -5.72
C VAL A 84 -0.05 -19.51 -5.62
N ILE A 85 -0.57 -19.34 -4.41
CA ILE A 85 -1.66 -18.45 -4.15
C ILE A 85 -1.36 -17.08 -3.53
N LYS A 86 -2.24 -16.14 -3.80
CA LYS A 86 -2.15 -14.80 -3.22
C LYS A 86 -3.35 -14.63 -2.28
N ILE A 87 -3.07 -14.21 -1.05
CA ILE A 87 -4.10 -14.03 0.00
C ILE A 87 -5.12 -12.97 -0.38
N GLU A 88 -4.71 -12.08 -1.27
CA GLU A 88 -5.55 -11.02 -1.78
C GLU A 88 -6.76 -11.68 -2.51
N SER A 89 -6.65 -12.97 -2.80
CA SER A 89 -7.72 -13.71 -3.50
C SER A 89 -8.70 -14.50 -2.60
N PHE A 90 -8.49 -14.48 -1.29
CA PHE A 90 -9.33 -15.22 -0.37
C PHE A 90 -9.69 -14.39 0.84
N VAL A 91 -10.63 -14.91 1.63
CA VAL A 91 -11.10 -14.29 2.86
C VAL A 91 -10.73 -15.30 3.94
N VAL A 92 -10.00 -14.86 4.95
CA VAL A 92 -9.61 -15.76 6.03
C VAL A 92 -10.77 -15.75 7.00
N GLU A 93 -11.17 -16.92 7.48
CA GLU A 93 -12.27 -16.99 8.43
C GLU A 93 -11.85 -17.75 9.67
N ASP A 94 -11.98 -17.12 10.82
CA ASP A 94 -11.63 -17.78 12.06
C ASP A 94 -12.74 -18.80 12.22
N ILE A 95 -12.35 -20.06 12.36
CA ILE A 95 -13.31 -21.16 12.48
C ILE A 95 -14.17 -21.15 13.75
N ALA A 96 -13.68 -20.54 14.81
CA ALA A 96 -14.41 -20.51 16.06
C ALA A 96 -15.48 -19.42 16.15
N THR A 97 -15.10 -18.21 15.77
CA THR A 97 -15.98 -17.05 15.84
C THR A 97 -16.73 -16.71 14.56
N GLY A 98 -16.21 -17.14 13.41
CA GLY A 98 -16.84 -16.82 12.15
C GLY A 98 -16.32 -15.52 11.56
N VAL A 99 -15.53 -14.79 12.33
CA VAL A 99 -14.96 -13.53 11.91
C VAL A 99 -14.08 -13.69 10.67
N GLN A 100 -14.30 -12.81 9.68
CA GLN A 100 -13.56 -12.87 8.45
C GLN A 100 -12.53 -11.75 8.36
N THR A 101 -11.39 -12.05 7.76
CA THR A 101 -10.31 -11.06 7.60
C THR A 101 -9.78 -11.00 6.18
N LEU A 102 -9.65 -9.77 5.71
CA LEU A 102 -9.17 -9.49 4.37
C LEU A 102 -7.74 -9.00 4.39
N TYR A 103 -6.83 -9.83 3.91
CA TYR A 103 -5.42 -9.44 3.82
C TYR A 103 -5.12 -9.14 2.35
N SER A 104 -4.19 -8.24 2.11
CA SER A 104 -3.80 -7.92 0.74
C SER A 104 -2.41 -8.51 0.54
N LYS A 105 -1.67 -8.63 1.64
CA LYS A 105 -0.33 -9.17 1.58
C LYS A 105 -0.03 -10.25 2.59
N TRP A 106 0.63 -11.30 2.14
CA TRP A 106 0.99 -12.43 2.98
C TRP A 106 1.87 -12.05 4.17
N LYS A 107 2.44 -10.85 4.13
CA LYS A 107 3.30 -10.42 5.23
C LYS A 107 2.47 -10.09 6.46
N ASP A 108 1.29 -9.51 6.26
CA ASP A 108 0.41 -9.13 7.35
C ASP A 108 -0.35 -10.31 7.94
N PHE A 109 -0.35 -11.44 7.25
CA PHE A 109 -1.07 -12.60 7.76
C PHE A 109 -0.18 -13.43 8.68
N HIS A 110 -0.36 -13.28 9.98
CA HIS A 110 0.48 -13.99 10.95
C HIS A 110 -0.08 -15.28 11.52
N PHE A 111 -0.05 -16.34 10.71
CA PHE A 111 -0.51 -17.64 11.15
C PHE A 111 0.78 -18.43 11.29
N GLU A 112 0.70 -19.68 11.74
CA GLU A 112 1.91 -20.48 11.84
C GLU A 112 2.28 -20.83 10.43
N LYS A 113 3.30 -20.16 9.91
CA LYS A 113 3.76 -20.38 8.55
C LYS A 113 4.73 -21.53 8.56
N ILE A 114 4.42 -22.57 7.79
CA ILE A 114 5.26 -23.75 7.76
C ILE A 114 6.06 -23.91 6.47
N PRO A 115 7.39 -24.03 6.60
CA PRO A 115 8.26 -24.19 5.43
C PRO A 115 7.85 -25.34 4.53
N PHE A 116 8.04 -25.14 3.24
CA PHE A 116 7.72 -26.14 2.24
C PHE A 116 8.74 -27.27 2.43
N ASP A 117 8.36 -28.51 2.10
CA ASP A 117 9.30 -29.63 2.22
C ASP A 117 9.08 -30.73 1.19
N PRO A 118 10.13 -31.05 0.43
CA PRO A 118 10.04 -32.09 -0.59
C PRO A 118 9.56 -33.38 0.03
N ALA A 119 10.18 -33.76 1.14
CA ALA A 119 9.86 -34.98 1.89
C ALA A 119 8.36 -35.25 2.07
N GLU A 120 7.60 -34.20 2.32
CA GLU A 120 6.17 -34.35 2.47
C GLU A 120 5.65 -34.97 1.20
N MET A 121 6.23 -34.52 0.09
CA MET A 121 5.87 -34.95 -1.25
C MET A 121 6.77 -36.08 -1.79
N LYS B 1 5.05 15.91 18.89
CA LYS B 1 6.37 15.25 19.16
C LYS B 1 7.54 16.08 18.65
N GLU B 2 8.65 15.42 18.33
CA GLU B 2 9.85 16.08 17.84
C GLU B 2 9.62 17.01 16.64
N ASN B 3 10.12 18.26 16.71
CA ASN B 3 9.96 19.16 15.57
C ASN B 3 11.00 18.73 14.54
N LYS B 4 10.54 18.50 13.31
CA LYS B 4 11.41 18.02 12.24
C LYS B 4 11.36 18.82 10.95
N LYS B 5 12.41 18.65 10.15
CA LYS B 5 12.55 19.31 8.87
C LYS B 5 11.87 18.51 7.78
N LEU B 6 11.32 19.21 6.79
CA LEU B 6 10.72 18.55 5.64
C LEU B 6 11.55 18.98 4.44
N LEU B 7 12.25 18.01 3.84
CA LEU B 7 13.11 18.27 2.69
C LEU B 7 12.51 17.79 1.39
N CYS B 8 12.77 18.51 0.30
CA CYS B 8 12.28 18.10 -0.99
C CYS B 8 12.95 16.77 -1.32
N ARG B 9 12.17 15.70 -1.41
CA ARG B 9 12.71 14.39 -1.68
C ARG B 9 13.65 14.39 -2.88
N LYS B 10 13.45 15.33 -3.80
CA LYS B 10 14.27 15.39 -5.00
C LYS B 10 15.61 16.10 -4.85
N CYS B 11 15.56 17.41 -4.57
CA CYS B 11 16.79 18.19 -4.43
C CYS B 11 17.24 18.33 -2.99
N LYS B 12 16.48 17.75 -2.07
CA LYS B 12 16.79 17.77 -0.64
C LYS B 12 16.87 19.14 0.01
N ALA B 13 16.25 20.13 -0.63
CA ALA B 13 16.22 21.49 -0.11
C ALA B 13 15.21 21.54 1.01
N LEU B 14 15.34 22.53 1.89
CA LEU B 14 14.39 22.68 2.99
C LEU B 14 13.06 23.27 2.53
N ALA B 15 12.01 22.48 2.68
CA ALA B 15 10.68 22.90 2.29
C ALA B 15 10.02 23.64 3.45
N CYS B 16 9.96 22.99 4.61
CA CYS B 16 9.35 23.57 5.81
C CYS B 16 9.67 22.78 7.08
N TYR B 17 8.96 23.12 8.15
CA TYR B 17 9.09 22.46 9.46
C TYR B 17 7.74 21.89 9.84
N THR B 18 7.73 20.81 10.61
CA THR B 18 6.44 20.23 11.01
C THR B 18 5.61 21.11 11.94
N ALA B 19 6.28 22.03 12.64
CA ALA B 19 5.62 22.97 13.54
C ALA B 19 4.59 23.81 12.78
N ASP B 20 4.95 24.18 11.56
CA ASP B 20 4.13 25.00 10.69
C ASP B 20 3.10 24.23 9.88
N VAL B 21 2.99 22.93 10.13
CA VAL B 21 2.03 22.10 9.41
C VAL B 21 0.68 22.07 10.14
N ARG B 22 -0.40 22.12 9.36
CA ARG B 22 -1.73 22.08 9.93
C ARG B 22 -2.56 21.05 9.18
N VAL B 23 -3.29 20.21 9.94
CA VAL B 23 -4.12 19.17 9.33
C VAL B 23 -5.54 19.68 9.13
N ILE B 24 -6.08 19.38 7.97
CA ILE B 24 -7.42 19.79 7.63
C ILE B 24 -8.32 18.58 7.44
N GLU B 25 -9.54 18.68 7.96
CA GLU B 25 -10.51 17.60 7.87
C GLU B 25 -9.84 16.25 8.24
N GLU B 26 -8.81 16.33 9.06
CA GLU B 26 -8.07 15.16 9.54
C GLU B 26 -7.32 14.29 8.51
N SER B 27 -7.18 14.76 7.28
CA SER B 27 -6.47 13.96 6.28
C SER B 27 -5.79 14.80 5.21
N HIS B 28 -5.85 16.11 5.39
CA HIS B 28 -5.26 17.05 4.44
C HIS B 28 -4.26 17.93 5.16
N TYR B 29 -3.10 18.14 4.54
CA TYR B 29 -2.05 18.92 5.16
C TYR B 29 -1.57 20.19 4.47
N THR B 30 -1.52 21.27 5.25
CA THR B 30 -1.05 22.56 4.75
C THR B 30 0.12 23.06 5.61
N VAL B 31 0.82 24.07 5.10
CA VAL B 31 1.94 24.67 5.80
C VAL B 31 1.70 26.15 5.92
N LEU B 32 1.94 26.69 7.11
CA LEU B 32 1.74 28.13 7.38
C LEU B 32 3.03 28.94 7.25
N GLY B 33 2.88 30.25 7.15
CA GLY B 33 4.02 31.14 7.03
C GLY B 33 4.27 31.59 5.61
N ASP B 34 4.90 32.75 5.46
CA ASP B 34 5.22 33.27 4.13
C ASP B 34 6.47 32.56 3.64
N ALA B 35 7.37 32.28 4.57
CA ALA B 35 8.62 31.61 4.28
C ALA B 35 8.47 30.44 3.31
N PHE B 36 7.50 29.57 3.58
CA PHE B 36 7.25 28.38 2.75
C PHE B 36 6.72 28.77 1.35
N LYS B 37 5.95 29.85 1.30
CA LYS B 37 5.40 30.33 0.04
C LYS B 37 6.51 30.69 -0.94
N GLU B 38 7.70 30.97 -0.40
CA GLU B 38 8.87 31.31 -1.21
C GLU B 38 9.61 30.06 -1.65
N CYS B 39 9.21 28.91 -1.13
CA CYS B 39 9.89 27.65 -1.47
C CYS B 39 9.29 26.88 -2.65
N PHE B 40 8.11 27.28 -3.10
CA PHE B 40 7.45 26.58 -4.20
C PHE B 40 6.83 27.50 -5.24
N VAL B 41 6.57 26.95 -6.42
CA VAL B 41 5.93 27.66 -7.52
C VAL B 41 4.74 26.82 -7.95
N SER B 42 3.77 27.43 -8.60
CA SER B 42 2.59 26.71 -9.04
C SER B 42 2.21 26.96 -10.48
N ARG B 43 1.33 26.11 -11.00
CA ARG B 43 0.82 26.23 -12.34
C ARG B 43 -0.67 25.89 -12.27
N PRO B 44 -1.50 26.62 -13.01
CA PRO B 44 -2.94 26.35 -12.99
C PRO B 44 -3.19 24.86 -13.25
N HIS B 45 -3.92 24.24 -12.32
CA HIS B 45 -4.22 22.81 -12.40
C HIS B 45 -4.92 22.35 -13.66
N PRO B 46 -4.36 21.30 -14.30
CA PRO B 46 -4.92 20.74 -15.54
C PRO B 46 -6.36 20.26 -15.40
N LYS B 47 -6.63 19.54 -14.32
CA LYS B 47 -7.96 19.01 -14.07
C LYS B 47 -8.55 19.59 -12.79
N PRO B 48 -8.88 20.89 -12.79
CA PRO B 48 -9.45 21.47 -11.58
C PRO B 48 -10.72 20.77 -11.13
N LYS B 49 -10.85 20.55 -9.83
CA LYS B 49 -12.00 19.88 -9.24
C LYS B 49 -12.38 20.46 -7.89
N GLN B 50 -13.61 20.24 -7.49
CA GLN B 50 -14.04 20.70 -6.20
C GLN B 50 -14.42 19.51 -5.30
N PHE B 51 -13.90 19.42 -4.08
CA PHE B 51 -14.41 18.30 -3.27
C PHE B 51 -15.08 18.64 -1.87
N SER B 52 -15.14 17.86 -0.77
CA SER B 52 -16.07 18.45 0.24
C SER B 52 -15.82 19.87 0.67
N SER B 53 -14.61 20.32 0.99
CA SER B 53 -14.57 21.75 1.32
C SER B 53 -13.56 22.58 0.54
N PHE B 54 -12.83 21.90 -0.35
CA PHE B 54 -11.80 22.53 -1.14
C PHE B 54 -12.15 22.65 -2.60
N GLU B 55 -11.43 23.55 -3.26
CA GLU B 55 -11.56 23.77 -4.69
C GLU B 55 -10.13 23.76 -5.22
N LYS B 56 -9.78 22.62 -5.79
CA LYS B 56 -8.46 22.42 -6.35
C LYS B 56 -8.28 23.41 -7.49
N ARG B 57 -7.37 24.35 -7.31
CA ARG B 57 -7.16 25.33 -8.35
C ARG B 57 -5.81 25.22 -9.08
N ALA B 58 -4.77 24.81 -8.36
CA ALA B 58 -3.44 24.73 -8.94
C ALA B 58 -2.59 23.56 -8.45
N LYS B 59 -1.41 23.46 -9.06
CA LYS B 59 -0.43 22.44 -8.71
C LYS B 59 0.78 23.24 -8.24
N ILE B 60 1.41 22.79 -7.17
CA ILE B 60 2.59 23.46 -6.64
C ILE B 60 3.75 22.50 -6.76
N PHE B 61 4.91 23.07 -7.07
CA PHE B 61 6.15 22.33 -7.23
C PHE B 61 7.25 23.03 -6.45
N CYS B 62 8.39 22.37 -6.36
CA CYS B 62 9.57 22.90 -5.69
C CYS B 62 10.10 24.05 -6.51
N ALA B 63 10.15 25.24 -5.91
CA ALA B 63 10.64 26.41 -6.63
C ALA B 63 12.13 26.33 -6.87
N ARG B 64 12.82 25.35 -6.28
CA ARG B 64 14.24 25.33 -6.48
C ARG B 64 14.76 25.10 -7.89
N GLN B 65 15.50 26.13 -8.31
CA GLN B 65 16.16 26.30 -9.60
C GLN B 65 16.05 25.20 -10.68
N ASN B 66 16.64 24.02 -10.46
CA ASN B 66 16.58 22.96 -11.45
C ASN B 66 15.87 21.69 -10.98
N CYS B 67 14.97 21.87 -10.02
CA CYS B 67 14.23 20.75 -9.44
C CYS B 67 12.74 20.73 -9.79
N SER B 68 12.00 21.74 -9.35
CA SER B 68 10.57 21.84 -9.63
C SER B 68 9.85 20.51 -9.42
N HIS B 69 10.21 19.87 -8.34
CA HIS B 69 9.62 18.60 -7.97
C HIS B 69 8.18 18.81 -7.50
N ASP B 70 7.26 18.05 -8.10
CA ASP B 70 5.83 18.12 -7.75
C ASP B 70 5.63 17.92 -6.23
N TRP B 71 5.02 18.92 -5.58
CA TRP B 71 4.79 18.90 -4.13
C TRP B 71 3.35 18.70 -3.66
N GLY B 72 2.41 18.83 -4.58
CA GLY B 72 1.02 18.70 -4.25
C GLY B 72 0.21 19.68 -5.08
N ILE B 73 -0.71 20.38 -4.41
CA ILE B 73 -1.57 21.35 -5.07
C ILE B 73 -1.68 22.64 -4.26
N HIS B 74 -2.60 23.49 -4.68
CA HIS B 74 -2.89 24.74 -3.99
C HIS B 74 -4.39 24.86 -4.17
N VAL B 75 -5.12 25.08 -3.11
CA VAL B 75 -6.56 25.11 -3.24
C VAL B 75 -7.22 26.32 -2.63
N LYS B 76 -8.53 26.35 -2.79
CA LYS B 76 -9.29 27.38 -2.14
C LYS B 76 -10.08 26.68 -1.04
N TYR B 77 -9.65 26.83 0.20
CA TYR B 77 -10.43 26.21 1.24
C TYR B 77 -11.24 27.33 1.95
N LYS B 78 -12.57 27.25 1.93
CA LYS B 78 -13.36 28.31 2.60
C LYS B 78 -13.00 29.70 2.06
N THR B 79 -12.60 30.65 2.91
CA THR B 79 -12.22 31.94 2.36
C THR B 79 -10.72 32.10 2.15
N PHE B 80 -9.96 31.01 2.27
CA PHE B 80 -8.49 31.05 2.12
C PHE B 80 -7.93 30.42 0.85
N GLU B 81 -6.63 30.63 0.66
CA GLU B 81 -5.84 30.08 -0.44
C GLU B 81 -4.62 29.44 0.23
N ILE B 82 -4.65 28.12 0.38
CA ILE B 82 -3.56 27.40 1.03
C ILE B 82 -3.06 26.20 0.21
N PRO B 83 -1.75 25.91 0.29
CA PRO B 83 -1.16 24.78 -0.45
C PRO B 83 -1.42 23.48 0.30
N VAL B 84 -1.76 22.43 -0.44
CA VAL B 84 -1.99 21.13 0.18
C VAL B 84 -0.91 20.17 -0.32
N ILE B 85 -0.03 19.79 0.58
CA ILE B 85 1.08 18.91 0.27
C ILE B 85 0.83 17.44 0.57
N LYS B 86 1.69 16.61 -0.02
CA LYS B 86 1.67 15.18 0.19
C LYS B 86 3.04 14.86 0.74
N ILE B 87 3.08 14.14 1.87
CA ILE B 87 4.34 13.77 2.53
C ILE B 87 5.22 12.94 1.60
N GLU B 88 4.60 12.26 0.64
CA GLU B 88 5.31 11.44 -0.33
C GLU B 88 6.39 12.20 -1.09
N SER B 89 6.24 13.51 -1.23
CA SER B 89 7.21 14.33 -1.96
C SER B 89 8.37 14.81 -1.10
N PHE B 90 8.32 14.51 0.20
CA PHE B 90 9.34 14.95 1.15
C PHE B 90 10.09 13.89 1.96
N VAL B 91 11.23 14.35 2.47
CA VAL B 91 12.12 13.58 3.32
C VAL B 91 12.02 14.23 4.70
N VAL B 92 11.61 13.45 5.68
CA VAL B 92 11.48 13.97 7.03
C VAL B 92 12.83 13.75 7.67
N GLU B 93 13.48 14.85 8.03
CA GLU B 93 14.78 14.76 8.67
C GLU B 93 14.68 15.16 10.11
N ASP B 94 15.25 14.34 10.98
CA ASP B 94 15.28 14.64 12.40
C ASP B 94 16.40 15.66 12.62
N ILE B 95 16.07 16.82 13.17
CA ILE B 95 17.05 17.89 13.39
C ILE B 95 18.21 17.54 14.34
N ALA B 96 17.91 16.91 15.46
CA ALA B 96 18.94 16.58 16.42
C ALA B 96 19.92 15.57 15.89
N THR B 97 19.41 14.51 15.26
CA THR B 97 20.25 13.43 14.73
C THR B 97 20.56 13.48 13.23
N GLY B 98 19.72 14.11 12.43
CA GLY B 98 19.98 14.14 11.01
C GLY B 98 19.38 12.93 10.29
N VAL B 99 18.84 12.00 11.07
CA VAL B 99 18.21 10.79 10.55
C VAL B 99 17.10 11.20 9.60
N GLN B 100 16.88 10.38 8.56
CA GLN B 100 15.87 10.67 7.57
C GLN B 100 14.87 9.54 7.34
N THR B 101 13.60 9.93 7.14
CA THR B 101 12.53 8.95 6.93
C THR B 101 11.70 9.26 5.70
N LEU B 102 11.36 8.20 4.95
CA LEU B 102 10.55 8.32 3.74
C LEU B 102 9.16 7.78 3.93
N TYR B 103 8.20 8.69 4.08
CA TYR B 103 6.79 8.35 4.25
C TYR B 103 6.08 8.40 2.89
N SER B 104 5.07 7.55 2.72
CA SER B 104 4.29 7.53 1.48
C SER B 104 2.89 8.08 1.81
N LYS B 105 2.45 7.83 3.03
CA LYS B 105 1.15 8.30 3.51
C LYS B 105 1.28 8.98 4.87
N TRP B 106 0.55 10.09 5.07
CA TRP B 106 0.56 10.84 6.32
C TRP B 106 0.04 10.03 7.50
N LYS B 107 -0.76 9.00 7.20
CA LYS B 107 -1.32 8.11 8.22
C LYS B 107 -0.19 7.40 8.99
N ASP B 108 0.95 7.22 8.33
CA ASP B 108 2.11 6.56 8.92
C ASP B 108 3.03 7.55 9.61
N PHE B 109 2.92 8.83 9.28
CA PHE B 109 3.77 9.85 9.88
C PHE B 109 3.14 10.29 11.18
N HIS B 110 3.82 10.01 12.28
CA HIS B 110 3.31 10.34 13.59
C HIS B 110 4.07 11.45 14.29
N PHE B 111 3.59 12.67 14.09
CA PHE B 111 4.18 13.83 14.73
C PHE B 111 2.99 14.53 15.38
N GLU B 112 3.22 15.66 16.03
CA GLU B 112 2.13 16.40 16.68
C GLU B 112 1.31 17.12 15.61
N LYS B 113 0.09 16.65 15.37
CA LYS B 113 -0.75 17.25 14.34
C LYS B 113 -1.74 18.33 14.83
N ILE B 114 -1.38 19.59 14.61
CA ILE B 114 -2.22 20.71 14.99
C ILE B 114 -3.28 20.91 13.92
N PRO B 115 -4.58 20.86 14.29
CA PRO B 115 -5.63 21.04 13.29
C PRO B 115 -5.66 22.47 12.74
N PHE B 116 -5.94 22.61 11.44
CA PHE B 116 -5.99 23.92 10.81
C PHE B 116 -6.89 24.84 11.62
N ASP B 117 -6.49 26.11 11.77
CA ASP B 117 -7.31 27.05 12.53
C ASP B 117 -7.38 28.45 11.89
N PRO B 118 -8.60 28.90 11.54
CA PRO B 118 -8.89 30.20 10.91
C PRO B 118 -8.39 31.41 11.70
N ALA B 119 -8.43 31.31 13.03
CA ALA B 119 -7.99 32.40 13.90
C ALA B 119 -6.51 32.71 13.67
N GLU B 120 -5.71 31.68 13.43
CA GLU B 120 -4.29 31.88 13.18
C GLU B 120 -4.20 32.75 11.95
N MET B 121 -4.94 32.34 10.92
CA MET B 121 -4.97 33.03 9.65
C MET B 121 -5.98 34.16 9.61
PG ATP C 1 1.84 -11.04 -13.57
O1G ATP C 1 1.57 -11.84 -14.78
O2G ATP C 1 3.30 -10.35 -13.72
O3G ATP C 1 0.70 -9.89 -13.45
PB ATP C 1 0.72 -13.13 -12.26
O1B ATP C 1 -0.64 -12.58 -12.58
O2B ATP C 1 1.14 -14.17 -13.35
O3B ATP C 1 1.83 -11.94 -12.20
PA ATP C 1 -0.32 -13.45 -9.78
O1A ATP C 1 -0.02 -12.04 -9.39
O2A ATP C 1 -1.82 -13.54 -10.34
O3A ATP C 1 0.74 -13.97 -10.88
O5' ATP C 1 -0.22 -14.45 -8.55
C5' ATP C 1 0.58 -13.79 -7.64
C4' ATP C 1 1.36 -14.74 -6.83
O4' ATP C 1 2.21 -15.59 -7.63
C3' ATP C 1 2.20 -13.92 -5.87
O3' ATP C 1 1.77 -14.07 -4.53
C2' ATP C 1 3.66 -14.32 -6.19
O2' ATP C 1 4.37 -14.86 -5.08
C1' ATP C 1 3.62 -15.25 -7.41
N9 ATP C 1 4.20 -14.47 -8.55
C8 ATP C 1 3.52 -14.09 -9.68
N7 ATP C 1 4.30 -13.43 -10.50
C5 ATP C 1 5.53 -13.35 -9.97
C6 ATP C 1 6.75 -12.74 -10.39
N6 ATP C 1 6.82 -12.09 -11.62
N1 ATP C 1 7.84 -12.84 -9.61
C2 ATP C 1 7.79 -13.46 -8.42
N3 ATP C 1 6.65 -14.04 -7.98
C4 ATP C 1 5.51 -14.00 -8.71
PG ATP D 1 -4.48 14.14 -9.21
O1G ATP D 1 -4.31 15.21 -10.22
O2G ATP D 1 -6.05 13.73 -9.14
O3G ATP D 1 -3.60 12.86 -9.65
PB ATP D 1 -3.20 16.00 -7.81
O1B ATP D 1 -2.03 15.88 -8.72
O2B ATP D 1 -4.20 17.12 -8.36
O3B ATP D 1 -3.99 14.61 -7.72
PA ATP D 1 -1.53 15.61 -5.77
O1A ATP D 1 -1.81 14.14 -5.89
O2A ATP D 1 -0.18 15.97 -6.57
O3A ATP D 1 -2.75 16.47 -6.35
O5' ATP D 1 -1.32 16.04 -4.25
C5' ATP D 1 -1.97 15.08 -3.44
C4' ATP D 1 -2.31 15.74 -2.11
O4' ATP D 1 -3.12 16.93 -2.23
C3' ATP D 1 -3.00 14.78 -1.15
O3' ATP D 1 -2.14 14.50 -0.07
C2' ATP D 1 -4.34 15.45 -0.80
O2' ATP D 1 -4.42 15.78 0.60
C1' ATP D 1 -4.48 16.65 -1.73
N9 ATP D 1 -5.39 16.26 -2.86
C8 ATP D 1 -5.10 16.33 -4.21
N7 ATP D 1 -6.08 15.90 -4.93
C5 ATP D 1 -7.10 15.53 -4.14
C6 ATP D 1 -8.40 14.97 -4.38
N6 ATP D 1 -8.85 14.76 -5.68
N1 ATP D 1 -9.20 14.71 -3.30
C2 ATP D 1 -8.78 14.91 -2.05
N3 ATP D 1 -7.56 15.42 -1.79
C4 ATP D 1 -6.69 15.73 -2.79
ZN ZN E . -14.98 -18.60 -6.24
ZN ZN F . 13.50 20.31 -5.02
#